data_5H1W
#
_entry.id   5H1W
#
_cell.length_a   50.238
_cell.length_b   55.411
_cell.length_c   59.004
_cell.angle_alpha   107.48
_cell.angle_beta   102.14
_cell.angle_gamma   91.70
#
_symmetry.space_group_name_H-M   'P 1'
#
loop_
_entity.id
_entity.type
_entity.pdbx_description
1 polymer 'Uncharacterized protein TM_0416'
2 non-polymer L-Erythrulose
3 non-polymer 'MANGANESE (II) ION'
4 non-polymer 'PENTAETHYLENE GLYCOL'
5 water water
#
_entity_poly.entity_id   1
_entity_poly.type   'polypeptide(L)'
_entity_poly.pdbx_seq_one_letter_code
;MGSSHHHHHHSSGLVPRGSHMKLSLVISTSDAAFDALAFKGDLRKGMELAKRVGYQAVEIAVRDPSIVDWNEVKILSEEL
NLPICAIGTGQAYLADGLSLTHPNDEIRKKAIERVVKHTEVAGMFGALVIIGLVRGRREGRSYEETEELFIESMKRLLEL
TEHAKFVIEPLNRYETDFINTIDDALRILRKINSNRVGILADTFHMNIEEVNIPESLKRAGEKLYHFHVADSNRWAPGCG
HFDFRSVFNTLKEIGYNRYVSVECLPLPGGMEEAAEIAFKTLKELIIKLT
;
_entity_poly.pdbx_strand_id   A,B
#
# COMPACT_ATOMS: atom_id res chain seq x y z
N HIS A 20 -18.18 -12.34 8.25
CA HIS A 20 -17.56 -13.57 8.73
C HIS A 20 -16.62 -13.31 9.91
N MET A 21 -16.50 -12.05 10.30
CA MET A 21 -15.79 -11.67 11.52
C MET A 21 -16.34 -12.42 12.72
N LYS A 22 -15.47 -12.69 13.68
CA LYS A 22 -15.88 -13.41 14.88
C LYS A 22 -15.55 -12.58 16.11
N LEU A 23 -16.31 -12.75 17.18
CA LEU A 23 -16.09 -11.96 18.38
C LEU A 23 -15.39 -12.76 19.45
N SER A 24 -14.37 -12.15 20.04
CA SER A 24 -13.62 -12.79 21.12
C SER A 24 -13.56 -11.86 22.33
N LEU A 25 -13.36 -12.44 23.52
CA LEU A 25 -13.25 -11.65 24.75
C LEU A 25 -11.89 -11.86 25.41
N VAL A 26 -11.18 -10.78 25.74
CA VAL A 26 -9.93 -10.91 26.49
C VAL A 26 -10.33 -11.11 27.93
N ILE A 27 -9.79 -12.15 28.57
CA ILE A 27 -10.13 -12.39 29.96
C ILE A 27 -8.88 -12.20 30.81
N SER A 28 -9.02 -11.45 31.90
CA SER A 28 -7.89 -11.22 32.80
C SER A 28 -7.70 -12.41 33.72
N THR A 29 -6.44 -12.83 33.92
CA THR A 29 -6.17 -13.93 34.82
C THR A 29 -5.03 -13.60 35.78
N SER A 30 -5.18 -14.05 37.02
CA SER A 30 -4.10 -13.96 37.99
C SER A 30 -2.88 -14.73 37.51
N ASP A 31 -1.69 -14.30 37.95
CA ASP A 31 -0.48 -15.04 37.62
C ASP A 31 -0.45 -16.36 38.37
N ALA A 32 -0.21 -17.45 37.64
CA ALA A 32 -0.27 -18.79 38.22
C ALA A 32 0.88 -19.06 39.19
N ALA A 33 1.94 -18.26 39.13
CA ALA A 33 3.05 -18.38 40.08
C ALA A 33 2.62 -17.85 41.44
N PHE A 34 1.92 -16.73 41.41
CA PHE A 34 1.36 -16.13 42.62
C PHE A 34 0.29 -17.05 43.22
N ASP A 35 -0.59 -17.55 42.39
CA ASP A 35 -1.72 -18.33 42.87
C ASP A 35 -2.30 -19.19 41.75
N ALA A 36 -1.93 -20.46 41.74
CA ALA A 36 -2.35 -21.38 40.68
C ALA A 36 -3.87 -21.56 40.68
N LEU A 37 -4.46 -21.61 41.87
CA LEU A 37 -5.91 -21.78 41.99
C LEU A 37 -6.64 -20.54 41.48
N ALA A 38 -6.08 -19.36 41.74
CA ALA A 38 -6.68 -18.12 41.28
C ALA A 38 -6.66 -18.04 39.76
N PHE A 39 -5.54 -18.47 39.16
CA PHE A 39 -5.46 -18.49 37.69
C PHE A 39 -6.53 -19.39 37.10
N LYS A 40 -6.59 -20.63 37.58
CA LYS A 40 -7.57 -21.59 37.10
C LYS A 40 -9.00 -21.07 37.32
N GLY A 41 -9.27 -20.50 38.49
CA GLY A 41 -10.57 -19.95 38.80
C GLY A 41 -10.94 -18.79 37.89
N ASP A 42 -10.01 -17.85 37.71
CA ASP A 42 -10.22 -16.69 36.84
C ASP A 42 -10.50 -17.14 35.40
N LEU A 43 -9.72 -18.10 34.93
CA LEU A 43 -9.85 -18.60 33.57
C LEU A 43 -11.20 -19.27 33.33
N ARG A 44 -11.59 -20.15 34.24
CA ARG A 44 -12.87 -20.82 34.12
C ARG A 44 -14.02 -19.82 34.16
N LYS A 45 -13.99 -18.90 35.14
CA LYS A 45 -15.04 -17.91 35.28
C LYS A 45 -15.13 -17.06 34.00
N GLY A 46 -13.98 -16.68 33.47
CA GLY A 46 -13.93 -15.82 32.30
C GLY A 46 -14.43 -16.54 31.05
N MET A 47 -14.05 -17.80 30.89
CA MET A 47 -14.48 -18.54 29.72
C MET A 47 -15.99 -18.84 29.79
N GLU A 48 -16.48 -19.16 30.97
CA GLU A 48 -17.92 -19.39 31.11
C GLU A 48 -18.69 -18.11 30.84
N LEU A 49 -18.16 -16.97 31.30
CA LEU A 49 -18.78 -15.67 31.01
C LEU A 49 -18.81 -15.44 29.51
N ALA A 50 -17.68 -15.63 28.87
CA ALA A 50 -17.62 -15.42 27.43
C ALA A 50 -18.66 -16.25 26.68
N LYS A 51 -18.74 -17.53 27.01
CA LYS A 51 -19.68 -18.42 26.33
C LYS A 51 -21.13 -17.98 26.55
N ARG A 52 -21.46 -17.64 27.79
CA ARG A 52 -22.80 -17.17 28.17
C ARG A 52 -23.23 -15.91 27.42
N VAL A 53 -22.29 -14.98 27.24
CA VAL A 53 -22.59 -13.75 26.55
C VAL A 53 -22.74 -13.95 25.03
N GLY A 54 -22.02 -14.92 24.48
CA GLY A 54 -22.10 -15.20 23.06
C GLY A 54 -20.80 -15.13 22.29
N TYR A 55 -19.70 -14.82 22.98
CA TYR A 55 -18.40 -14.79 22.30
C TYR A 55 -18.02 -16.15 21.70
N GLN A 56 -17.31 -16.11 20.58
CA GLN A 56 -16.90 -17.32 19.86
C GLN A 56 -15.51 -17.82 20.22
N ALA A 57 -14.75 -17.00 20.92
CA ALA A 57 -13.42 -17.40 21.40
C ALA A 57 -13.02 -16.52 22.57
N VAL A 58 -11.93 -16.89 23.23
CA VAL A 58 -11.35 -16.02 24.25
C VAL A 58 -9.91 -15.76 23.92
N GLU A 59 -9.37 -14.74 24.58
CA GLU A 59 -7.98 -14.38 24.43
C GLU A 59 -7.42 -14.28 25.82
N ILE A 60 -6.20 -14.75 26.02
CA ILE A 60 -5.64 -14.69 27.35
C ILE A 60 -4.30 -13.97 27.32
N ALA A 61 -3.77 -13.67 28.50
CA ALA A 61 -2.45 -13.08 28.61
C ALA A 61 -1.73 -13.76 29.76
N VAL A 62 -0.51 -14.25 29.51
CA VAL A 62 0.25 -14.91 30.57
C VAL A 62 1.68 -14.39 30.58
N ARG A 63 2.21 -14.26 31.78
CA ARG A 63 3.57 -13.75 31.94
C ARG A 63 4.58 -14.82 31.59
N ASP A 64 4.46 -15.98 32.24
CA ASP A 64 5.35 -17.10 31.99
C ASP A 64 4.55 -18.39 31.83
N PRO A 65 4.49 -18.91 30.61
CA PRO A 65 3.71 -20.10 30.29
C PRO A 65 4.18 -21.36 30.99
N SER A 66 5.42 -21.39 31.46
CA SER A 66 6.00 -22.63 31.95
C SER A 66 5.38 -23.09 33.27
N ILE A 67 4.67 -22.20 33.97
CA ILE A 67 4.11 -22.54 35.28
C ILE A 67 2.61 -22.89 35.25
N VAL A 68 2.03 -22.93 34.04
CA VAL A 68 0.61 -23.24 33.87
C VAL A 68 0.43 -24.66 33.36
N ASP A 69 -0.58 -25.37 33.87
CA ASP A 69 -0.96 -26.67 33.33
C ASP A 69 -1.84 -26.46 32.10
N TRP A 70 -1.27 -26.57 30.91
CA TRP A 70 -2.00 -26.23 29.69
C TRP A 70 -2.94 -27.33 29.23
N ASN A 71 -2.73 -28.55 29.67
CA ASN A 71 -3.64 -29.61 29.30
C ASN A 71 -4.97 -29.45 30.04
N GLU A 72 -4.92 -28.86 31.22
CA GLU A 72 -6.16 -28.51 31.93
C GLU A 72 -6.89 -27.40 31.20
N VAL A 73 -6.12 -26.45 30.67
CA VAL A 73 -6.70 -25.36 29.90
C VAL A 73 -7.36 -25.86 28.62
N LYS A 74 -6.70 -26.80 27.95
CA LYS A 74 -7.23 -27.36 26.71
C LYS A 74 -8.50 -28.17 26.97
N ILE A 75 -8.56 -28.87 28.09
CA ILE A 75 -9.77 -29.61 28.45
C ILE A 75 -10.94 -28.65 28.65
N LEU A 76 -10.66 -27.53 29.32
CA LEU A 76 -11.67 -26.51 29.53
C LEU A 76 -12.15 -25.94 28.20
N SER A 77 -11.20 -25.64 27.31
CA SER A 77 -11.54 -25.12 25.99
C SER A 77 -12.42 -26.10 25.21
N GLU A 78 -12.07 -27.38 25.27
CA GLU A 78 -12.86 -28.41 24.59
C GLU A 78 -14.26 -28.55 25.17
N GLU A 79 -14.36 -28.62 26.50
CA GLU A 79 -15.65 -28.74 27.17
C GLU A 79 -16.60 -27.60 26.82
N LEU A 80 -16.06 -26.38 26.73
CA LEU A 80 -16.91 -25.22 26.47
C LEU A 80 -17.05 -24.88 24.98
N ASN A 81 -16.37 -25.63 24.12
CA ASN A 81 -16.32 -25.31 22.70
C ASN A 81 -15.95 -23.85 22.49
N LEU A 82 -14.85 -23.45 23.13
CA LEU A 82 -14.41 -22.08 23.11
C LEU A 82 -12.92 -22.01 22.84
N PRO A 83 -12.54 -21.76 21.58
CA PRO A 83 -11.10 -21.68 21.27
C PRO A 83 -10.42 -20.50 21.93
N ILE A 84 -9.11 -20.61 22.06
CA ILE A 84 -8.27 -19.50 22.46
C ILE A 84 -7.63 -18.95 21.20
N CYS A 85 -7.94 -17.69 20.86
CA CYS A 85 -7.54 -17.17 19.55
C CYS A 85 -6.23 -16.40 19.57
N ALA A 86 -5.80 -15.96 20.75
CA ALA A 86 -4.57 -15.18 20.88
C ALA A 86 -4.02 -15.24 22.28
N ILE A 87 -2.70 -15.11 22.39
CA ILE A 87 -2.03 -15.15 23.68
C ILE A 87 -1.18 -13.88 23.84
N GLY A 88 -1.45 -13.10 24.88
CA GLY A 88 -0.74 -11.87 25.14
C GLY A 88 0.53 -12.13 25.94
N THR A 89 1.52 -11.26 25.77
CA THR A 89 2.85 -11.50 26.32
C THR A 89 3.40 -10.32 27.14
N GLY A 90 2.61 -9.27 27.28
CA GLY A 90 3.08 -8.00 27.79
C GLY A 90 3.61 -8.03 29.21
N GLN A 91 3.09 -8.96 30.00
N GLN A 91 3.09 -8.92 30.05
CA GLN A 91 3.48 -9.14 31.40
CA GLN A 91 3.59 -8.97 31.42
C GLN A 91 4.94 -9.62 31.51
C GLN A 91 5.03 -9.47 31.47
N ALA A 92 5.48 -10.16 30.42
CA ALA A 92 6.89 -10.58 30.38
C ALA A 92 7.79 -9.35 30.46
N TYR A 93 7.32 -8.25 29.87
CA TYR A 93 8.02 -6.97 29.96
C TYR A 93 7.72 -6.25 31.27
N LEU A 94 6.44 -6.06 31.56
CA LEU A 94 6.04 -5.25 32.72
C LEU A 94 6.50 -5.85 34.05
N ALA A 95 6.45 -7.17 34.18
CA ALA A 95 6.78 -7.81 35.45
C ALA A 95 8.22 -8.30 35.48
N ASP A 96 8.68 -8.86 34.36
CA ASP A 96 9.97 -9.52 34.34
C ASP A 96 11.06 -8.71 33.61
N GLY A 97 10.68 -7.59 33.01
CA GLY A 97 11.64 -6.71 32.37
C GLY A 97 12.27 -7.28 31.11
N LEU A 98 11.61 -8.27 30.51
CA LEU A 98 12.14 -8.89 29.31
C LEU A 98 11.70 -8.07 28.09
N SER A 99 12.67 -7.75 27.23
CA SER A 99 12.39 -6.99 26.04
C SER A 99 13.16 -7.53 24.85
N LEU A 100 12.51 -7.60 23.69
CA LEU A 100 13.15 -8.07 22.46
C LEU A 100 14.15 -7.07 21.89
N THR A 101 14.19 -5.86 22.45
CA THR A 101 15.15 -4.87 21.99
C THR A 101 16.04 -4.38 23.14
N HIS A 102 16.05 -5.09 24.26
CA HIS A 102 16.85 -4.68 25.42
C HIS A 102 18.30 -4.44 25.02
N PRO A 103 18.91 -3.35 25.52
CA PRO A 103 20.32 -3.12 25.14
C PRO A 103 21.26 -4.21 25.63
N ASN A 104 20.88 -4.93 26.68
CA ASN A 104 21.66 -6.06 27.18
C ASN A 104 21.28 -7.31 26.41
N ASP A 105 22.20 -7.82 25.58
CA ASP A 105 21.89 -8.97 24.73
C ASP A 105 21.49 -10.21 25.51
N GLU A 106 21.95 -10.33 26.76
CA GLU A 106 21.52 -11.43 27.62
C GLU A 106 20.01 -11.37 27.88
N ILE A 107 19.50 -10.17 28.13
CA ILE A 107 18.06 -10.02 28.35
C ILE A 107 17.29 -10.22 27.04
N ARG A 108 17.85 -9.73 25.92
CA ARG A 108 17.25 -9.96 24.61
C ARG A 108 17.06 -11.47 24.36
N LYS A 109 18.09 -12.25 24.69
CA LYS A 109 18.02 -13.70 24.50
C LYS A 109 16.97 -14.30 25.40
N LYS A 110 16.92 -13.86 26.65
CA LYS A 110 15.92 -14.38 27.57
C LYS A 110 14.51 -14.02 27.11
N ALA A 111 14.35 -12.84 26.51
CA ALA A 111 13.05 -12.41 25.97
C ALA A 111 12.62 -13.31 24.83
N ILE A 112 13.56 -13.60 23.93
CA ILE A 112 13.28 -14.50 22.83
C ILE A 112 12.89 -15.89 23.37
N GLU A 113 13.63 -16.38 24.36
CA GLU A 113 13.34 -17.68 24.94
C GLU A 113 11.97 -17.70 25.60
N ARG A 114 11.59 -16.59 26.23
CA ARG A 114 10.27 -16.52 26.86
C ARG A 114 9.19 -16.59 25.79
N VAL A 115 9.34 -15.79 24.74
CA VAL A 115 8.31 -15.74 23.69
C VAL A 115 8.24 -17.10 22.97
N VAL A 116 9.37 -17.81 22.83
CA VAL A 116 9.28 -19.18 22.30
C VAL A 116 8.34 -20.03 23.15
N LYS A 117 8.40 -19.90 24.47
CA LYS A 117 7.46 -20.64 25.31
C LYS A 117 6.01 -20.23 25.04
N HIS A 118 5.76 -18.93 24.82
CA HIS A 118 4.42 -18.53 24.40
C HIS A 118 3.99 -19.20 23.11
N THR A 119 4.91 -19.35 22.15
CA THR A 119 4.53 -19.97 20.89
C THR A 119 4.23 -21.47 21.07
N GLU A 120 4.84 -22.09 22.06
CA GLU A 120 4.59 -23.51 22.35
C GLU A 120 3.15 -23.68 22.82
N VAL A 121 2.71 -22.79 23.71
CA VAL A 121 1.32 -22.79 24.16
C VAL A 121 0.39 -22.45 23.00
N ALA A 122 0.74 -21.42 22.22
CA ALA A 122 -0.11 -20.98 21.11
C ALA A 122 -0.37 -22.10 20.11
N GLY A 123 0.64 -22.94 19.91
CA GLY A 123 0.54 -24.05 18.97
C GLY A 123 -0.49 -25.08 19.40
N MET A 124 -0.69 -25.20 20.71
CA MET A 124 -1.70 -26.13 21.23
C MET A 124 -3.11 -25.66 20.92
N PHE A 125 -3.27 -24.37 20.68
CA PHE A 125 -4.60 -23.79 20.52
C PHE A 125 -4.84 -23.19 19.16
N GLY A 126 -3.82 -23.16 18.31
CA GLY A 126 -3.94 -22.46 17.04
C GLY A 126 -4.09 -20.95 17.23
N ALA A 127 -3.41 -20.43 18.25
CA ALA A 127 -3.55 -19.02 18.64
C ALA A 127 -2.43 -18.15 18.07
N LEU A 128 -2.73 -16.87 17.90
CA LEU A 128 -1.73 -15.86 17.54
C LEU A 128 -0.93 -15.48 18.78
N VAL A 129 0.33 -15.11 18.59
CA VAL A 129 1.15 -14.60 19.68
C VAL A 129 1.28 -13.10 19.50
N ILE A 130 0.88 -12.35 20.52
CA ILE A 130 0.89 -10.90 20.42
C ILE A 130 2.24 -10.33 20.83
N ILE A 131 2.77 -9.49 19.95
CA ILE A 131 4.00 -8.77 20.22
C ILE A 131 3.63 -7.30 20.51
N GLY A 132 3.37 -7.02 21.78
CA GLY A 132 3.03 -5.68 22.23
C GLY A 132 4.20 -5.09 22.99
N LEU A 133 4.01 -4.83 24.28
CA LEU A 133 5.08 -4.25 25.12
C LEU A 133 6.37 -5.07 25.19
N VAL A 134 6.29 -6.36 24.91
CA VAL A 134 7.48 -7.22 25.00
C VAL A 134 8.57 -6.80 23.97
N ARG A 135 8.19 -5.98 22.99
CA ARG A 135 9.20 -5.50 22.05
C ARG A 135 10.16 -4.49 22.68
N GLY A 136 9.74 -3.86 23.78
CA GLY A 136 10.58 -2.89 24.46
C GLY A 136 10.52 -1.48 23.88
N ARG A 137 11.28 -0.57 24.49
CA ARG A 137 11.24 0.84 24.15
C ARG A 137 12.60 1.30 23.60
N ARG A 138 12.65 2.54 23.14
CA ARG A 138 13.90 3.07 22.59
C ARG A 138 14.98 3.23 23.65
N GLU A 139 14.59 3.54 24.88
CA GLU A 139 15.56 3.67 25.99
C GLU A 139 16.74 4.60 25.65
N GLY A 140 16.42 5.76 25.08
CA GLY A 140 17.43 6.76 24.78
C GLY A 140 18.18 6.54 23.47
N ARG A 141 17.81 5.51 22.73
CA ARG A 141 18.48 5.19 21.48
C ARG A 141 17.74 5.73 20.27
N SER A 142 18.38 5.69 19.11
CA SER A 142 17.72 6.06 17.87
C SER A 142 16.60 5.08 17.56
N TYR A 143 15.58 5.55 16.87
CA TYR A 143 14.54 4.66 16.36
C TYR A 143 15.19 3.58 15.51
N GLU A 144 16.15 3.98 14.67
CA GLU A 144 16.78 3.05 13.72
C GLU A 144 17.46 1.88 14.40
N GLU A 145 18.20 2.13 15.48
CA GLU A 145 18.84 1.03 16.19
C GLU A 145 17.81 0.11 16.84
N THR A 146 16.80 0.72 17.44
CA THR A 146 15.76 -0.05 18.12
C THR A 146 15.05 -0.93 17.11
N GLU A 147 14.73 -0.36 15.95
CA GLU A 147 14.06 -1.11 14.89
C GLU A 147 14.94 -2.24 14.38
N GLU A 148 16.24 -1.99 14.21
CA GLU A 148 17.13 -3.06 13.74
C GLU A 148 17.21 -4.21 14.73
N LEU A 149 17.33 -3.89 16.03
CA LEU A 149 17.36 -4.93 17.05
C LEU A 149 16.05 -5.72 17.04
N PHE A 150 14.93 -5.01 16.91
CA PHE A 150 13.63 -5.67 16.88
C PHE A 150 13.51 -6.63 15.70
N ILE A 151 13.91 -6.17 14.52
CA ILE A 151 13.84 -7.03 13.35
C ILE A 151 14.72 -8.27 13.50
N GLU A 152 15.89 -8.11 14.07
CA GLU A 152 16.76 -9.25 14.33
C GLU A 152 16.08 -10.25 15.26
N SER A 153 15.44 -9.75 16.32
CA SER A 153 14.75 -10.63 17.25
C SER A 153 13.57 -11.34 16.62
N MET A 154 12.81 -10.63 15.78
CA MET A 154 11.68 -11.26 15.11
C MET A 154 12.16 -12.32 14.13
N LYS A 155 13.23 -12.01 13.42
CA LYS A 155 13.78 -13.01 12.51
C LYS A 155 14.26 -14.24 13.26
N ARG A 156 14.87 -14.03 14.43
CA ARG A 156 15.27 -15.16 15.28
C ARG A 156 14.04 -15.99 15.67
N LEU A 157 12.99 -15.31 16.12
CA LEU A 157 11.77 -16.03 16.49
C LEU A 157 11.20 -16.85 15.34
N LEU A 158 11.29 -16.32 14.12
CA LEU A 158 10.78 -17.05 12.96
C LEU A 158 11.69 -18.23 12.65
N GLU A 159 12.99 -18.07 12.88
CA GLU A 159 13.90 -19.19 12.66
C GLU A 159 13.67 -20.29 13.69
N LEU A 160 13.23 -19.90 14.86
CA LEU A 160 13.03 -20.84 15.92
C LEU A 160 11.71 -21.56 15.95
N THR A 161 10.78 -21.11 15.15
CA THR A 161 9.44 -21.67 15.16
C THR A 161 9.00 -22.10 13.77
N GLU A 162 8.20 -23.17 13.69
CA GLU A 162 7.78 -23.65 12.39
C GLU A 162 6.37 -23.21 12.02
N HIS A 163 5.53 -23.00 13.02
CA HIS A 163 4.11 -22.76 12.77
C HIS A 163 3.58 -21.48 13.41
N ALA A 164 4.34 -20.91 14.34
CA ALA A 164 3.84 -19.75 15.11
C ALA A 164 3.55 -18.54 14.24
N LYS A 165 2.45 -17.87 14.54
CA LYS A 165 2.13 -16.62 13.85
C LYS A 165 2.08 -15.52 14.86
N PHE A 166 2.69 -14.39 14.51
CA PHE A 166 2.86 -13.27 15.41
C PHE A 166 2.08 -12.07 14.92
N VAL A 167 1.57 -11.26 15.85
CA VAL A 167 1.02 -9.96 15.46
C VAL A 167 1.66 -8.82 16.26
N ILE A 168 2.13 -7.82 15.53
CA ILE A 168 2.72 -6.62 16.12
C ILE A 168 1.61 -5.61 16.39
N GLU A 169 1.49 -5.17 17.64
CA GLU A 169 0.46 -4.20 18.01
C GLU A 169 1.04 -2.82 18.26
N PRO A 170 0.73 -1.85 17.40
CA PRO A 170 1.12 -0.46 17.69
C PRO A 170 0.43 0.01 18.97
N LEU A 171 1.18 0.71 19.83
CA LEU A 171 0.67 1.14 21.12
C LEU A 171 0.86 2.63 21.25
N ASN A 172 0.09 3.30 22.10
CA ASN A 172 0.21 4.74 22.17
C ASN A 172 1.50 5.20 22.86
N ARG A 173 1.79 6.49 22.68
CA ARG A 173 3.04 7.14 23.12
C ARG A 173 3.34 7.02 24.61
N TYR A 174 2.33 6.84 25.43
CA TYR A 174 2.57 6.74 26.86
C TYR A 174 3.04 5.35 27.27
N GLU A 175 2.77 4.36 26.42
CA GLU A 175 3.16 2.98 26.71
C GLU A 175 4.50 2.64 26.07
N THR A 176 4.79 3.27 24.93
CA THR A 176 6.07 3.04 24.26
C THR A 176 6.37 4.15 23.26
N ASP A 177 7.66 4.32 22.98
CA ASP A 177 8.08 5.21 21.91
C ASP A 177 8.57 4.41 20.70
N PHE A 178 8.23 3.12 20.65
CA PHE A 178 8.66 2.27 19.55
C PHE A 178 7.44 1.53 18.95
N ILE A 179 7.11 1.89 17.70
CA ILE A 179 5.93 1.42 16.94
C ILE A 179 4.65 1.97 17.55
N ASN A 180 4.31 3.19 17.13
CA ASN A 180 3.12 3.85 17.65
C ASN A 180 1.96 3.81 16.66
N THR A 181 2.27 3.60 15.38
CA THR A 181 1.25 3.62 14.33
C THR A 181 1.26 2.37 13.48
N ILE A 182 0.15 2.17 12.78
CA ILE A 182 0.03 1.09 11.82
C ILE A 182 1.14 1.23 10.76
N ASP A 183 1.42 2.45 10.32
CA ASP A 183 2.48 2.63 9.31
C ASP A 183 3.85 2.22 9.85
N ASP A 184 4.12 2.51 11.11
CA ASP A 184 5.36 2.05 11.76
C ASP A 184 5.48 0.54 11.63
N ALA A 185 4.37 -0.15 11.90
CA ALA A 185 4.37 -1.61 11.86
C ALA A 185 4.47 -2.15 10.44
N LEU A 186 3.78 -1.53 9.48
CA LEU A 186 3.86 -1.98 8.08
C LEU A 186 5.28 -1.87 7.53
N ARG A 187 5.98 -0.80 7.90
CA ARG A 187 7.37 -0.66 7.47
C ARG A 187 8.21 -1.82 7.99
N ILE A 188 8.04 -2.15 9.27
CA ILE A 188 8.76 -3.28 9.85
C ILE A 188 8.37 -4.63 9.21
N LEU A 189 7.09 -4.82 8.89
CA LEU A 189 6.66 -6.05 8.25
C LEU A 189 7.33 -6.22 6.89
N ARG A 190 7.53 -5.13 6.18
CA ARG A 190 8.20 -5.23 4.87
C ARG A 190 9.65 -5.65 5.01
N LYS A 191 10.28 -5.26 6.12
CA LYS A 191 11.68 -5.65 6.36
C LYS A 191 11.79 -7.10 6.85
N ILE A 192 10.84 -7.54 7.66
CA ILE A 192 10.86 -8.90 8.17
C ILE A 192 10.57 -9.87 7.02
N ASN A 193 9.61 -9.49 6.19
CA ASN A 193 9.27 -10.23 4.97
C ASN A 193 8.80 -11.67 5.22
N SER A 194 7.87 -11.82 6.16
CA SER A 194 7.27 -13.13 6.45
C SER A 194 5.78 -13.02 6.60
N ASN A 195 5.03 -13.94 6.00
CA ASN A 195 3.59 -13.90 6.18
C ASN A 195 3.18 -14.45 7.54
N ARG A 196 4.17 -14.88 8.34
CA ARG A 196 3.85 -15.33 9.69
C ARG A 196 3.88 -14.18 10.70
N VAL A 197 4.05 -12.96 10.20
CA VAL A 197 3.96 -11.79 11.07
C VAL A 197 2.98 -10.81 10.46
N GLY A 198 2.01 -10.37 11.26
CA GLY A 198 1.05 -9.39 10.79
C GLY A 198 0.82 -8.31 11.83
N ILE A 199 -0.29 -7.59 11.67
CA ILE A 199 -0.62 -6.46 12.53
C ILE A 199 -1.84 -6.76 13.42
N LEU A 200 -1.73 -6.33 14.69
CA LEU A 200 -2.88 -6.22 15.58
C LEU A 200 -3.16 -4.73 15.77
N ALA A 201 -4.31 -4.26 15.30
CA ALA A 201 -4.72 -2.87 15.52
C ALA A 201 -5.66 -2.79 16.71
N ASP A 202 -5.51 -1.75 17.52
CA ASP A 202 -6.27 -1.61 18.76
C ASP A 202 -6.95 -0.25 18.75
N THR A 203 -8.28 -0.22 18.84
CA THR A 203 -8.98 1.05 18.63
C THR A 203 -8.66 2.09 19.70
N PHE A 204 -8.40 1.65 20.93
CA PHE A 204 -8.05 2.59 21.98
C PHE A 204 -6.74 3.29 21.64
N HIS A 205 -5.74 2.52 21.21
CA HIS A 205 -4.46 3.10 20.83
C HIS A 205 -4.56 3.93 19.55
N MET A 206 -5.32 3.45 18.57
CA MET A 206 -5.50 4.19 17.31
C MET A 206 -6.18 5.53 17.53
N ASN A 207 -7.08 5.59 18.50
CA ASN A 207 -7.80 6.83 18.79
C ASN A 207 -6.85 7.96 19.16
N ILE A 208 -5.71 7.61 19.72
CA ILE A 208 -4.67 8.60 19.99
C ILE A 208 -3.72 8.75 18.79
N GLU A 209 -3.21 7.65 18.25
CA GLU A 209 -2.05 7.76 17.37
C GLU A 209 -2.34 7.87 15.87
N GLU A 210 -3.50 7.41 15.40
CA GLU A 210 -3.76 7.41 13.95
C GLU A 210 -4.44 8.70 13.53
N VAL A 211 -4.07 9.21 12.35
CA VAL A 211 -4.69 10.42 11.83
C VAL A 211 -6.09 10.12 11.37
N ASN A 212 -6.20 9.16 10.45
CA ASN A 212 -7.47 8.76 9.87
C ASN A 212 -7.58 7.24 10.01
N ILE A 213 -8.44 6.76 10.92
CA ILE A 213 -8.40 5.34 11.23
C ILE A 213 -8.88 4.44 10.08
N PRO A 214 -10.00 4.78 9.42
CA PRO A 214 -10.34 3.95 8.25
C PRO A 214 -9.21 3.87 7.23
N GLU A 215 -8.55 4.98 6.94
CA GLU A 215 -7.43 4.97 5.99
C GLU A 215 -6.28 4.09 6.48
N SER A 216 -5.96 4.17 7.78
CA SER A 216 -4.90 3.34 8.34
C SER A 216 -5.22 1.87 8.19
N LEU A 217 -6.49 1.51 8.38
CA LEU A 217 -6.84 0.10 8.24
C LEU A 217 -6.80 -0.36 6.78
N LYS A 218 -7.16 0.51 5.86
CA LYS A 218 -7.00 0.18 4.44
C LYS A 218 -5.55 -0.06 4.07
N ARG A 219 -4.65 0.71 4.67
CA ARG A 219 -3.22 0.52 4.41
C ARG A 219 -2.74 -0.82 4.97
N ALA A 220 -3.30 -1.22 6.11
CA ALA A 220 -2.96 -2.53 6.67
C ALA A 220 -3.44 -3.64 5.75
N GLY A 221 -4.70 -3.55 5.33
CA GLY A 221 -5.26 -4.49 4.39
C GLY A 221 -5.13 -5.93 4.83
N GLU A 222 -4.50 -6.75 3.99
CA GLU A 222 -4.36 -8.17 4.25
C GLU A 222 -3.44 -8.46 5.44
N LYS A 223 -2.63 -7.48 5.84
CA LYS A 223 -1.70 -7.64 6.96
C LYS A 223 -2.41 -7.51 8.32
N LEU A 224 -3.66 -7.08 8.33
CA LEU A 224 -4.41 -7.04 9.60
C LEU A 224 -4.82 -8.46 9.97
N TYR A 225 -4.18 -9.00 11.01
CA TYR A 225 -4.42 -10.39 11.40
C TYR A 225 -5.32 -10.53 12.63
N HIS A 226 -5.42 -9.46 13.42
CA HIS A 226 -6.15 -9.50 14.68
C HIS A 226 -6.59 -8.09 15.03
N PHE A 227 -7.61 -7.94 15.88
CA PHE A 227 -8.18 -6.62 16.12
C PHE A 227 -8.60 -6.53 17.58
N HIS A 228 -8.21 -5.45 18.25
CA HIS A 228 -8.58 -5.20 19.64
C HIS A 228 -9.54 -4.04 19.69
N VAL A 229 -10.64 -4.20 20.42
CA VAL A 229 -11.58 -3.09 20.54
C VAL A 229 -11.83 -2.72 21.99
N ALA A 230 -11.89 -1.41 22.17
CA ALA A 230 -12.27 -0.78 23.43
C ALA A 230 -12.66 0.62 23.05
N ASP A 231 -13.48 1.29 23.84
CA ASP A 231 -13.87 2.64 23.43
C ASP A 231 -12.75 3.65 23.71
N SER A 232 -13.05 4.93 23.49
CA SER A 232 -12.04 5.99 23.58
C SER A 232 -11.42 6.10 24.99
N ASN A 233 -12.26 5.87 26.01
CA ASN A 233 -11.82 5.82 27.41
C ASN A 233 -11.41 4.43 27.88
N ARG A 234 -11.31 3.53 26.91
CA ARG A 234 -11.00 2.11 27.12
C ARG A 234 -12.09 1.38 27.91
N TRP A 235 -13.28 1.97 28.00
CA TRP A 235 -14.43 1.23 28.53
C TRP A 235 -14.99 0.31 27.46
N ALA A 236 -16.03 -0.46 27.81
CA ALA A 236 -16.73 -1.27 26.81
C ALA A 236 -17.11 -0.43 25.59
N PRO A 237 -16.87 -0.97 24.38
CA PRO A 237 -17.35 -0.31 23.17
C PRO A 237 -18.82 0.09 23.30
N GLY A 238 -19.11 1.35 23.01
CA GLY A 238 -20.44 1.89 23.22
C GLY A 238 -20.48 2.90 24.34
N CYS A 239 -19.44 2.94 25.17
CA CYS A 239 -19.46 3.76 26.38
C CYS A 239 -18.47 4.91 26.37
N GLY A 240 -17.90 5.20 25.20
CA GLY A 240 -17.11 6.41 25.01
C GLY A 240 -17.61 7.14 23.78
N HIS A 241 -16.70 7.69 22.98
CA HIS A 241 -17.11 8.40 21.76
C HIS A 241 -16.38 7.96 20.50
N PHE A 242 -15.82 6.76 20.52
CA PHE A 242 -15.12 6.25 19.35
C PHE A 242 -16.12 5.88 18.26
N ASP A 243 -15.77 6.19 17.01
CA ASP A 243 -16.64 5.90 15.88
C ASP A 243 -16.39 4.47 15.37
N PHE A 244 -17.08 3.49 15.95
CA PHE A 244 -16.92 2.11 15.53
C PHE A 244 -17.59 1.83 14.18
N ARG A 245 -18.61 2.62 13.86
CA ARG A 245 -19.32 2.45 12.60
C ARG A 245 -18.39 2.52 11.39
N SER A 246 -17.60 3.59 11.31
CA SER A 246 -16.68 3.76 10.20
C SER A 246 -15.64 2.66 10.19
N VAL A 247 -15.15 2.27 11.37
CA VAL A 247 -14.19 1.17 11.44
C VAL A 247 -14.76 -0.15 10.87
N PHE A 248 -15.98 -0.50 11.25
CA PHE A 248 -16.52 -1.77 10.78
C PHE A 248 -16.88 -1.72 9.30
N ASN A 249 -17.26 -0.55 8.80
CA ASN A 249 -17.43 -0.37 7.35
C ASN A 249 -16.13 -0.70 6.62
N THR A 250 -15.01 -0.24 7.18
CA THR A 250 -13.71 -0.45 6.57
C THR A 250 -13.27 -1.92 6.68
N LEU A 251 -13.52 -2.54 7.84
CA LEU A 251 -13.21 -3.95 7.99
C LEU A 251 -13.94 -4.80 6.94
N LYS A 252 -15.19 -4.46 6.67
CA LYS A 252 -15.95 -5.12 5.62
C LYS A 252 -15.28 -4.91 4.26
N GLU A 253 -14.91 -3.67 3.98
CA GLU A 253 -14.30 -3.33 2.69
C GLU A 253 -12.96 -4.03 2.44
N ILE A 254 -12.17 -4.27 3.49
CA ILE A 254 -10.89 -4.95 3.27
C ILE A 254 -11.03 -6.45 3.45
N GLY A 255 -12.27 -6.90 3.66
CA GLY A 255 -12.57 -8.32 3.74
C GLY A 255 -12.11 -9.01 5.01
N TYR A 256 -12.03 -8.24 6.09
CA TYR A 256 -11.53 -8.79 7.35
C TYR A 256 -12.48 -9.84 7.88
N ASN A 257 -11.97 -11.04 8.11
CA ASN A 257 -12.84 -12.13 8.54
C ASN A 257 -12.22 -12.92 9.68
N ARG A 258 -11.42 -12.26 10.50
CA ARG A 258 -10.80 -12.92 11.65
C ARG A 258 -11.44 -12.41 12.93
N TYR A 259 -10.69 -12.36 14.03
CA TYR A 259 -11.33 -12.03 15.30
C TYR A 259 -11.31 -10.55 15.63
N VAL A 260 -12.40 -10.14 16.27
CA VAL A 260 -12.53 -8.83 16.89
C VAL A 260 -12.59 -9.10 18.39
N SER A 261 -11.53 -8.73 19.09
CA SER A 261 -11.37 -9.14 20.48
C SER A 261 -11.52 -7.96 21.40
N VAL A 262 -12.42 -8.10 22.36
CA VAL A 262 -12.72 -7.04 23.31
C VAL A 262 -11.63 -7.01 24.39
N GLU A 263 -10.86 -5.93 24.40
CA GLU A 263 -9.79 -5.73 25.40
C GLU A 263 -10.06 -4.41 26.08
N CYS A 264 -10.92 -4.43 27.10
CA CYS A 264 -11.35 -3.17 27.70
C CYS A 264 -11.28 -3.25 29.21
N LEU A 265 -11.31 -2.09 29.84
CA LEU A 265 -11.49 -2.01 31.29
C LEU A 265 -12.82 -2.62 31.67
N PRO A 266 -12.94 -3.12 32.92
CA PRO A 266 -14.20 -3.70 33.38
C PRO A 266 -15.20 -2.62 33.79
N LEU A 267 -15.48 -1.73 32.85
CA LEU A 267 -16.32 -0.55 33.05
C LEU A 267 -17.20 -0.38 31.83
N PRO A 268 -18.46 0.03 32.04
CA PRO A 268 -19.03 0.32 33.36
C PRO A 268 -19.45 -0.94 34.11
N GLY A 269 -19.45 -0.87 35.43
CA GLY A 269 -20.14 -1.84 36.26
C GLY A 269 -19.55 -3.24 36.39
N GLY A 270 -18.27 -3.40 36.07
CA GLY A 270 -17.60 -4.66 36.31
C GLY A 270 -17.34 -5.48 35.06
N MET A 271 -16.62 -6.58 35.23
CA MET A 271 -16.19 -7.42 34.11
C MET A 271 -17.36 -8.00 33.31
N GLU A 272 -18.38 -8.50 34.01
CA GLU A 272 -19.51 -9.09 33.30
C GLU A 272 -20.32 -8.05 32.55
N GLU A 273 -20.66 -6.94 33.21
CA GLU A 273 -21.44 -5.92 32.55
C GLU A 273 -20.69 -5.37 31.33
N ALA A 274 -19.39 -5.15 31.48
CA ALA A 274 -18.60 -4.60 30.36
C ALA A 274 -18.58 -5.58 29.18
N ALA A 275 -18.45 -6.88 29.47
CA ALA A 275 -18.41 -7.86 28.39
C ALA A 275 -19.75 -7.92 27.65
N GLU A 276 -20.84 -7.78 28.40
CA GLU A 276 -22.18 -7.81 27.82
C GLU A 276 -22.44 -6.57 26.95
N ILE A 277 -22.09 -5.40 27.48
CA ILE A 277 -22.27 -4.17 26.71
C ILE A 277 -21.43 -4.21 25.44
N ALA A 278 -20.17 -4.63 25.57
CA ALA A 278 -19.28 -4.73 24.42
C ALA A 278 -19.86 -5.64 23.34
N PHE A 279 -20.32 -6.81 23.75
CA PHE A 279 -20.90 -7.76 22.81
C PHE A 279 -22.09 -7.16 22.07
N LYS A 280 -23.00 -6.52 22.80
CA LYS A 280 -24.18 -5.95 22.16
C LYS A 280 -23.82 -4.87 21.16
N THR A 281 -22.88 -4.01 21.53
CA THR A 281 -22.45 -2.94 20.62
C THR A 281 -21.86 -3.52 19.35
N LEU A 282 -20.97 -4.48 19.50
CA LEU A 282 -20.22 -4.99 18.37
C LEU A 282 -21.09 -5.87 17.49
N LYS A 283 -21.96 -6.65 18.11
CA LYS A 283 -22.80 -7.58 17.37
C LYS A 283 -23.72 -6.81 16.44
N GLU A 284 -24.25 -5.70 16.92
CA GLU A 284 -25.13 -4.89 16.07
C GLU A 284 -24.38 -4.33 14.86
N LEU A 285 -23.18 -3.81 15.08
CA LEU A 285 -22.37 -3.28 13.99
C LEU A 285 -22.06 -4.37 12.96
N ILE A 286 -21.68 -5.55 13.42
CA ILE A 286 -21.28 -6.60 12.50
C ILE A 286 -22.47 -7.10 11.68
N ILE A 287 -23.63 -7.26 12.33
CA ILE A 287 -24.77 -7.85 11.66
C ILE A 287 -25.39 -6.90 10.63
N LYS A 288 -25.27 -5.60 10.86
CA LYS A 288 -25.71 -4.60 9.90
C LYS A 288 -24.60 -4.29 8.91
N LEU A 289 -23.64 -5.20 8.83
CA LEU A 289 -22.43 -5.03 8.02
C LEU A 289 -21.89 -6.33 7.45
N HIS B 20 -10.15 20.89 -30.18
CA HIS B 20 -10.10 19.56 -30.79
C HIS B 20 -8.84 18.81 -30.36
N MET B 21 -8.74 17.57 -30.80
CA MET B 21 -7.55 16.75 -30.60
C MET B 21 -6.29 17.38 -31.14
N LYS B 22 -5.18 17.13 -30.45
CA LYS B 22 -3.90 17.70 -30.84
C LYS B 22 -2.86 16.60 -31.00
N LEU B 23 -2.03 16.72 -32.02
CA LEU B 23 -1.00 15.71 -32.27
C LEU B 23 0.34 16.09 -31.69
N SER B 24 0.97 15.12 -31.05
CA SER B 24 2.26 15.30 -30.43
C SER B 24 3.21 14.17 -30.83
N LEU B 25 4.51 14.43 -30.75
CA LEU B 25 5.51 13.43 -31.07
C LEU B 25 6.42 13.14 -29.87
N VAL B 26 6.57 11.87 -29.52
CA VAL B 26 7.55 11.50 -28.51
C VAL B 26 8.94 11.53 -29.13
N ILE B 27 9.85 12.25 -28.48
CA ILE B 27 11.23 12.38 -28.95
C ILE B 27 12.19 11.62 -28.04
N SER B 28 13.05 10.80 -28.62
CA SER B 28 14.08 10.13 -27.84
C SER B 28 15.29 11.03 -27.64
N THR B 29 15.77 11.07 -26.40
CA THR B 29 16.93 11.90 -26.08
C THR B 29 17.96 11.10 -25.30
N SER B 30 19.23 11.37 -25.57
CA SER B 30 20.33 10.78 -24.80
C SER B 30 20.23 11.20 -23.34
N ASP B 31 20.80 10.39 -22.46
CA ASP B 31 20.88 10.72 -21.05
C ASP B 31 21.90 11.84 -20.85
N ALA B 32 21.45 12.96 -20.29
CA ALA B 32 22.31 14.14 -20.10
C ALA B 32 23.45 13.92 -19.10
N ALA B 33 23.35 12.87 -18.29
CA ALA B 33 24.45 12.52 -17.39
C ALA B 33 25.56 11.81 -18.14
N PHE B 34 25.19 11.15 -19.23
CA PHE B 34 26.14 10.45 -20.08
C PHE B 34 26.78 11.42 -21.06
N ASP B 35 25.97 12.30 -21.62
CA ASP B 35 26.43 13.30 -22.58
C ASP B 35 25.43 14.44 -22.63
N ALA B 36 25.74 15.53 -21.93
CA ALA B 36 24.81 16.67 -21.83
C ALA B 36 24.60 17.33 -23.18
N LEU B 37 25.67 17.42 -23.97
CA LEU B 37 25.55 18.04 -25.28
C LEU B 37 24.70 17.18 -26.22
N ALA B 38 24.78 15.87 -26.06
CA ALA B 38 23.99 14.96 -26.90
C ALA B 38 22.51 15.06 -26.55
N PHE B 39 22.21 15.24 -25.27
CA PHE B 39 20.81 15.46 -24.87
C PHE B 39 20.26 16.69 -25.57
N LYS B 40 20.94 17.82 -25.45
CA LYS B 40 20.48 19.06 -26.06
C LYS B 40 20.41 18.94 -27.58
N GLY B 41 21.36 18.20 -28.16
CA GLY B 41 21.38 18.00 -29.59
C GLY B 41 20.20 17.16 -30.05
N ASP B 42 19.96 16.05 -29.35
CA ASP B 42 18.82 15.18 -29.64
C ASP B 42 17.51 15.94 -29.50
N LEU B 43 17.42 16.75 -28.45
CA LEU B 43 16.19 17.49 -28.15
C LEU B 43 15.92 18.51 -29.25
N ARG B 44 16.92 19.32 -29.59
CA ARG B 44 16.75 20.30 -30.66
C ARG B 44 16.35 19.65 -31.98
N LYS B 45 17.05 18.57 -32.36
CA LYS B 45 16.75 17.88 -33.60
C LYS B 45 15.33 17.31 -33.61
N GLY B 46 14.94 16.73 -32.48
CA GLY B 46 13.62 16.14 -32.36
C GLY B 46 12.51 17.17 -32.40
N MET B 47 12.75 18.32 -31.77
CA MET B 47 11.74 19.38 -31.74
C MET B 47 11.65 20.05 -33.11
N GLU B 48 12.80 20.21 -33.77
CA GLU B 48 12.79 20.75 -35.13
C GLU B 48 12.03 19.83 -36.07
N LEU B 49 12.28 18.53 -35.96
CA LEU B 49 11.56 17.53 -36.74
C LEU B 49 10.05 17.63 -36.51
N ALA B 50 9.65 17.64 -35.24
CA ALA B 50 8.24 17.72 -34.89
C ALA B 50 7.56 18.95 -35.50
N LYS B 51 8.21 20.09 -35.39
CA LYS B 51 7.64 21.35 -35.88
C LYS B 51 7.50 21.31 -37.40
N ARG B 52 8.56 20.85 -38.06
CA ARG B 52 8.61 20.72 -39.51
C ARG B 52 7.50 19.82 -40.06
N VAL B 53 7.29 18.67 -39.41
CA VAL B 53 6.28 17.72 -39.89
C VAL B 53 4.86 18.25 -39.63
N GLY B 54 4.69 19.01 -38.55
CA GLY B 54 3.40 19.62 -38.29
C GLY B 54 2.79 19.26 -36.94
N TYR B 55 3.55 18.58 -36.09
CA TYR B 55 3.06 18.28 -34.75
C TYR B 55 2.88 19.55 -33.94
N GLN B 56 1.92 19.51 -33.02
CA GLN B 56 1.55 20.70 -32.22
C GLN B 56 2.26 20.75 -30.89
N ALA B 57 2.90 19.64 -30.52
CA ALA B 57 3.67 19.58 -29.28
C ALA B 57 4.63 18.39 -29.34
N VAL B 58 5.50 18.30 -28.34
CA VAL B 58 6.35 17.13 -28.20
C VAL B 58 6.23 16.58 -26.79
N GLU B 59 6.61 15.31 -26.66
CA GLU B 59 6.64 14.64 -25.39
C GLU B 59 8.07 14.15 -25.20
N ILE B 60 8.61 14.30 -23.99
CA ILE B 60 9.98 13.87 -23.75
C ILE B 60 10.03 12.89 -22.61
N ALA B 61 11.15 12.19 -22.49
CA ALA B 61 11.34 11.27 -21.38
C ALA B 61 12.73 11.48 -20.83
N VAL B 62 12.85 11.66 -19.52
CA VAL B 62 14.16 11.82 -18.90
C VAL B 62 14.27 10.95 -17.67
N ARG B 63 15.45 10.37 -17.48
CA ARG B 63 15.71 9.51 -16.33
C ARG B 63 15.76 10.35 -15.06
N ASP B 64 16.63 11.37 -15.09
CA ASP B 64 16.84 12.25 -13.95
C ASP B 64 16.83 13.70 -14.41
N PRO B 65 15.77 14.43 -14.05
CA PRO B 65 15.63 15.82 -14.47
C PRO B 65 16.64 16.79 -13.82
N SER B 66 17.25 16.39 -12.71
CA SER B 66 18.08 17.32 -11.94
C SER B 66 19.35 17.77 -12.68
N ILE B 67 19.77 17.00 -13.68
CA ILE B 67 21.01 17.31 -14.39
C ILE B 67 20.81 18.17 -15.63
N VAL B 68 19.56 18.26 -16.09
CA VAL B 68 19.24 18.94 -17.33
C VAL B 68 19.05 20.44 -17.11
N ASP B 69 19.50 21.25 -18.07
CA ASP B 69 19.24 22.69 -18.03
C ASP B 69 17.90 23.00 -18.68
N TRP B 70 16.86 23.16 -17.85
CA TRP B 70 15.51 23.32 -18.35
C TRP B 70 15.20 24.74 -18.82
N ASN B 71 16.06 25.68 -18.44
CA ASN B 71 15.99 27.04 -18.99
C ASN B 71 16.17 27.05 -20.50
N GLU B 72 17.21 26.35 -20.97
CA GLU B 72 17.48 26.24 -22.40
C GLU B 72 16.33 25.54 -23.11
N VAL B 73 15.79 24.50 -22.46
CA VAL B 73 14.68 23.75 -23.04
C VAL B 73 13.48 24.67 -23.24
N LYS B 74 13.18 25.49 -22.23
CA LYS B 74 12.05 26.42 -22.34
C LYS B 74 12.28 27.45 -23.45
N ILE B 75 13.50 27.94 -23.58
CA ILE B 75 13.83 28.89 -24.65
C ILE B 75 13.64 28.21 -26.01
N LEU B 76 14.08 26.96 -26.11
CA LEU B 76 13.92 26.16 -27.32
C LEU B 76 12.43 26.00 -27.63
N SER B 77 11.65 25.66 -26.62
CA SER B 77 10.20 25.52 -26.78
C SER B 77 9.55 26.83 -27.23
N GLU B 78 10.01 27.93 -26.64
CA GLU B 78 9.50 29.25 -27.01
C GLU B 78 9.89 29.60 -28.44
N GLU B 79 11.16 29.38 -28.78
CA GLU B 79 11.66 29.72 -30.12
C GLU B 79 10.89 29.00 -31.22
N LEU B 80 10.49 27.76 -30.96
CA LEU B 80 9.83 26.95 -31.98
C LEU B 80 8.32 27.01 -31.84
N ASN B 81 7.84 27.72 -30.82
CA ASN B 81 6.42 27.75 -30.51
C ASN B 81 5.87 26.34 -30.38
N LEU B 82 6.56 25.52 -29.62
CA LEU B 82 6.26 24.10 -29.54
C LEU B 82 6.20 23.63 -28.09
N PRO B 83 4.98 23.50 -27.55
CA PRO B 83 4.79 23.06 -26.17
C PRO B 83 5.32 21.65 -25.92
N ILE B 84 5.60 21.36 -24.65
CA ILE B 84 5.92 20.01 -24.24
C ILE B 84 4.71 19.53 -23.45
N CYS B 85 4.04 18.47 -23.91
CA CYS B 85 2.76 18.11 -23.32
C CYS B 85 2.86 17.06 -22.22
N ALA B 86 3.94 16.32 -22.21
CA ALA B 86 4.10 15.24 -21.24
C ALA B 86 5.57 14.90 -21.02
N ILE B 87 5.88 14.46 -19.80
CA ILE B 87 7.22 14.04 -19.43
C ILE B 87 7.22 12.58 -18.98
N GLY B 88 8.03 11.76 -19.63
CA GLY B 88 8.13 10.35 -19.30
C GLY B 88 9.13 10.09 -18.20
N THR B 89 8.90 9.02 -17.44
CA THR B 89 9.67 8.73 -16.23
C THR B 89 10.22 7.32 -16.19
N GLY B 90 9.94 6.53 -17.21
CA GLY B 90 10.23 5.11 -17.20
C GLY B 90 11.69 4.71 -17.02
N GLN B 91 12.61 5.56 -17.47
CA GLN B 91 14.03 5.26 -17.33
C GLN B 91 14.47 5.30 -15.87
N ALA B 92 13.71 5.98 -15.02
CA ALA B 92 14.02 6.00 -13.59
C ALA B 92 13.91 4.59 -13.01
N TYR B 93 13.01 3.80 -13.60
CA TYR B 93 12.84 2.41 -13.23
C TYR B 93 13.87 1.52 -13.95
N LEU B 94 13.89 1.60 -15.27
CA LEU B 94 14.74 0.72 -16.08
C LEU B 94 16.22 0.89 -15.77
N ALA B 95 16.66 2.12 -15.58
CA ALA B 95 18.08 2.39 -15.36
C ALA B 95 18.47 2.46 -13.88
N ASP B 96 17.63 3.09 -13.05
CA ASP B 96 18.01 3.36 -11.67
C ASP B 96 17.30 2.47 -10.65
N GLY B 97 16.36 1.65 -11.12
CA GLY B 97 15.70 0.68 -10.26
C GLY B 97 14.70 1.30 -9.31
N LEU B 98 14.38 2.57 -9.52
CA LEU B 98 13.41 3.28 -8.69
C LEU B 98 11.97 2.88 -9.05
N SER B 99 11.19 2.56 -8.02
CA SER B 99 9.82 2.13 -8.20
C SER B 99 8.93 2.66 -7.08
N LEU B 100 7.75 3.15 -7.44
CA LEU B 100 6.78 3.67 -6.46
C LEU B 100 6.13 2.55 -5.63
N THR B 101 6.43 1.30 -5.95
CA THR B 101 5.98 0.18 -5.10
C THR B 101 7.13 -0.68 -4.62
N HIS B 102 8.34 -0.13 -4.60
CA HIS B 102 9.51 -0.91 -4.18
C HIS B 102 9.30 -1.40 -2.76
N PRO B 103 9.58 -2.68 -2.51
CA PRO B 103 9.44 -3.20 -1.14
C PRO B 103 10.38 -2.52 -0.15
N ASN B 104 11.51 -2.01 -0.63
CA ASN B 104 12.43 -1.26 0.22
C ASN B 104 11.96 0.19 0.35
N ASP B 105 11.56 0.58 1.55
CA ASP B 105 11.00 1.92 1.76
C ASP B 105 11.97 3.05 1.42
N GLU B 106 13.27 2.82 1.62
CA GLU B 106 14.27 3.84 1.28
C GLU B 106 14.30 4.08 -0.23
N ILE B 107 14.23 3.01 -1.01
CA ILE B 107 14.21 3.14 -2.46
C ILE B 107 12.87 3.72 -2.91
N ARG B 108 11.79 3.29 -2.27
CA ARG B 108 10.47 3.83 -2.62
C ARG B 108 10.43 5.34 -2.35
N LYS B 109 11.06 5.78 -1.27
CA LYS B 109 11.15 7.21 -0.98
C LYS B 109 11.96 7.95 -2.05
N LYS B 110 13.06 7.35 -2.49
CA LYS B 110 13.89 7.93 -3.55
C LYS B 110 13.10 8.00 -4.85
N ALA B 111 12.26 7.00 -5.10
CA ALA B 111 11.41 7.02 -6.30
C ALA B 111 10.42 8.17 -6.25
N ILE B 112 9.78 8.36 -5.10
CA ILE B 112 8.86 9.49 -4.92
C ILE B 112 9.59 10.81 -5.14
N GLU B 113 10.77 10.95 -4.54
CA GLU B 113 11.54 12.18 -4.68
C GLU B 113 11.97 12.45 -6.12
N ARG B 114 12.33 11.39 -6.85
CA ARG B 114 12.66 11.52 -8.27
C ARG B 114 11.44 12.04 -9.05
N VAL B 115 10.29 11.43 -8.84
CA VAL B 115 9.09 11.85 -9.58
C VAL B 115 8.67 13.28 -9.22
N VAL B 116 8.90 13.70 -7.97
CA VAL B 116 8.66 15.10 -7.62
C VAL B 116 9.50 16.03 -8.50
N LYS B 117 10.75 15.67 -8.75
CA LYS B 117 11.57 16.46 -9.65
C LYS B 117 10.98 16.47 -11.06
N HIS B 118 10.49 15.33 -11.55
CA HIS B 118 9.76 15.32 -12.83
C HIS B 118 8.58 16.31 -12.84
N THR B 119 7.87 16.44 -11.72
CA THR B 119 6.71 17.33 -11.68
C THR B 119 7.16 18.79 -11.71
N GLU B 120 8.33 19.08 -11.15
CA GLU B 120 8.82 20.46 -11.20
C GLU B 120 9.09 20.86 -12.65
N VAL B 121 9.69 19.95 -13.42
CA VAL B 121 9.90 20.20 -14.84
C VAL B 121 8.56 20.35 -15.56
N ALA B 122 7.63 19.45 -15.27
CA ALA B 122 6.33 19.46 -15.93
C ALA B 122 5.62 20.78 -15.70
N GLY B 123 5.76 21.30 -14.48
CA GLY B 123 5.14 22.56 -14.11
C GLY B 123 5.61 23.75 -14.92
N MET B 124 6.84 23.68 -15.41
CA MET B 124 7.38 24.75 -16.25
C MET B 124 6.67 24.78 -17.60
N PHE B 125 6.14 23.63 -18.02
CA PHE B 125 5.59 23.50 -19.37
C PHE B 125 4.10 23.24 -19.37
N GLY B 126 3.49 23.10 -18.20
CA GLY B 126 2.08 22.74 -18.12
C GLY B 126 1.86 21.32 -18.59
N ALA B 127 2.86 20.47 -18.40
CA ALA B 127 2.84 19.11 -18.94
C ALA B 127 2.34 18.09 -17.93
N LEU B 128 1.90 16.96 -18.46
CA LEU B 128 1.52 15.80 -17.66
C LEU B 128 2.75 15.01 -17.25
N VAL B 129 2.68 14.30 -16.13
CA VAL B 129 3.75 13.39 -15.75
C VAL B 129 3.26 11.96 -15.92
N ILE B 130 4.01 11.16 -16.69
CA ILE B 130 3.56 9.80 -16.97
C ILE B 130 4.01 8.81 -15.89
N ILE B 131 3.05 8.07 -15.36
CA ILE B 131 3.34 7.01 -14.40
C ILE B 131 3.17 5.68 -15.13
N GLY B 132 4.25 5.22 -15.74
CA GLY B 132 4.26 3.95 -16.44
C GLY B 132 5.06 2.94 -15.66
N LEU B 133 6.19 2.50 -16.22
CA LEU B 133 7.04 1.50 -15.55
C LEU B 133 7.51 1.91 -14.15
N VAL B 134 7.54 3.21 -13.87
CA VAL B 134 8.05 3.68 -12.58
C VAL B 134 7.16 3.22 -11.42
N ARG B 135 5.96 2.73 -11.71
CA ARG B 135 5.14 2.22 -10.61
C ARG B 135 5.63 0.88 -10.08
N GLY B 136 6.42 0.17 -10.87
CA GLY B 136 6.98 -1.10 -10.43
C GLY B 136 6.01 -2.27 -10.55
N ARG B 137 6.49 -3.46 -10.23
CA ARG B 137 5.76 -4.70 -10.40
C ARG B 137 5.40 -5.36 -9.08
N ARG B 138 4.62 -6.43 -9.12
CA ARG B 138 4.21 -7.12 -7.88
C ARG B 138 5.38 -7.76 -7.13
N GLU B 139 6.38 -8.25 -7.86
CA GLU B 139 7.59 -8.85 -7.29
C GLU B 139 7.24 -9.91 -6.24
N GLY B 140 6.34 -10.80 -6.60
CA GLY B 140 5.96 -11.91 -5.75
C GLY B 140 4.83 -11.62 -4.77
N ARG B 141 4.48 -10.35 -4.64
CA ARG B 141 3.44 -9.95 -3.67
C ARG B 141 2.05 -10.08 -4.22
N SER B 142 1.06 -9.98 -3.35
CA SER B 142 -0.33 -9.96 -3.81
C SER B 142 -0.57 -8.69 -4.62
N TYR B 143 -1.61 -8.72 -5.45
CA TYR B 143 -2.01 -7.51 -6.16
C TYR B 143 -2.42 -6.46 -5.15
N GLU B 144 -3.11 -6.89 -4.10
CA GLU B 144 -3.61 -5.95 -3.09
C GLU B 144 -2.50 -5.21 -2.34
N GLU B 145 -1.44 -5.91 -1.96
CA GLU B 145 -0.34 -5.24 -1.27
C GLU B 145 0.34 -4.25 -2.20
N THR B 146 0.54 -4.68 -3.44
CA THR B 146 1.19 -3.84 -4.44
C THR B 146 0.36 -2.58 -4.70
N GLU B 147 -0.94 -2.79 -4.88
CA GLU B 147 -1.87 -1.69 -5.12
C GLU B 147 -1.92 -0.70 -3.96
N GLU B 148 -1.96 -1.20 -2.73
CA GLU B 148 -2.01 -0.30 -1.59
C GLU B 148 -0.73 0.53 -1.49
N LEU B 149 0.44 -0.08 -1.74
CA LEU B 149 1.68 0.69 -1.73
C LEU B 149 1.67 1.77 -2.80
N PHE B 150 1.13 1.42 -3.97
CA PHE B 150 1.06 2.37 -5.07
C PHE B 150 0.17 3.57 -4.72
N ILE B 151 -1.01 3.28 -4.17
CA ILE B 151 -1.92 4.35 -3.74
C ILE B 151 -1.25 5.24 -2.69
N GLU B 152 -0.55 4.64 -1.74
CA GLU B 152 0.20 5.43 -0.76
C GLU B 152 1.24 6.35 -1.38
N SER B 153 2.00 5.84 -2.36
CA SER B 153 2.99 6.67 -3.03
C SER B 153 2.34 7.79 -3.84
N MET B 154 1.23 7.47 -4.50
CA MET B 154 0.54 8.49 -5.29
C MET B 154 -0.04 9.55 -4.37
N LYS B 155 -0.61 9.14 -3.24
CA LYS B 155 -1.15 10.14 -2.33
C LYS B 155 -0.02 11.01 -1.78
N ARG B 156 1.13 10.42 -1.52
CA ARG B 156 2.30 11.18 -1.09
C ARG B 156 2.74 12.20 -2.15
N LEU B 157 2.77 11.78 -3.42
CA LEU B 157 3.07 12.71 -4.51
C LEU B 157 2.07 13.87 -4.57
N LEU B 158 0.81 13.56 -4.34
CA LEU B 158 -0.23 14.58 -4.35
C LEU B 158 -0.11 15.55 -3.17
N GLU B 159 0.50 15.10 -2.08
CA GLU B 159 0.72 15.97 -0.93
C GLU B 159 1.95 16.83 -1.11
N LEU B 160 2.94 16.30 -1.80
CA LEU B 160 4.24 16.96 -1.97
C LEU B 160 4.26 17.95 -3.11
N THR B 161 3.27 17.84 -3.98
CA THR B 161 3.16 18.69 -5.16
C THR B 161 1.76 19.30 -5.15
N GLU B 162 1.59 20.53 -5.61
CA GLU B 162 0.27 21.13 -5.47
C GLU B 162 -0.59 21.07 -6.73
N HIS B 163 0.04 21.23 -7.89
CA HIS B 163 -0.69 21.41 -9.13
C HIS B 163 -0.38 20.32 -10.15
N ALA B 164 0.62 19.50 -9.84
CA ALA B 164 1.11 18.50 -10.79
C ALA B 164 0.00 17.53 -11.18
N LYS B 165 -0.01 17.10 -12.43
CA LYS B 165 -1.00 16.14 -12.91
C LYS B 165 -0.31 14.85 -13.43
N PHE B 166 -0.83 13.70 -13.03
CA PHE B 166 -0.25 12.41 -13.34
C PHE B 166 -1.17 11.60 -14.23
N VAL B 167 -0.59 10.78 -15.10
CA VAL B 167 -1.39 9.84 -15.87
C VAL B 167 -0.82 8.43 -15.69
N ILE B 168 -1.69 7.53 -15.27
CA ILE B 168 -1.32 6.11 -15.13
C ILE B 168 -1.50 5.41 -16.46
N GLU B 169 -0.45 4.73 -16.92
CA GLU B 169 -0.51 4.03 -18.19
C GLU B 169 -0.58 2.50 -18.01
N PRO B 170 -1.73 1.88 -18.36
CA PRO B 170 -1.76 0.41 -18.34
C PRO B 170 -0.76 -0.12 -19.36
N LEU B 171 0.01 -1.13 -18.97
CA LEU B 171 1.05 -1.71 -19.85
C LEU B 171 0.77 -3.17 -20.01
N ASN B 172 1.25 -3.78 -21.09
CA ASN B 172 0.95 -5.19 -21.31
C ASN B 172 1.71 -6.11 -20.33
N ARG B 173 1.23 -7.34 -20.26
CA ARG B 173 1.68 -8.36 -19.32
C ARG B 173 3.18 -8.64 -19.32
N TYR B 174 3.85 -8.40 -20.45
CA TYR B 174 5.27 -8.68 -20.51
C TYR B 174 6.09 -7.57 -19.87
N GLU B 175 5.48 -6.40 -19.71
CA GLU B 175 6.20 -5.28 -19.12
C GLU B 175 5.92 -5.14 -17.62
N THR B 176 4.74 -5.55 -17.20
CA THR B 176 4.38 -5.51 -15.79
C THR B 176 3.22 -6.44 -15.48
N ASP B 177 3.10 -6.84 -14.21
CA ASP B 177 1.94 -7.56 -13.74
C ASP B 177 1.07 -6.69 -12.83
N PHE B 178 1.29 -5.39 -12.90
CA PHE B 178 0.56 -4.45 -12.06
C PHE B 178 -0.04 -3.33 -12.94
N ILE B 179 -1.37 -3.36 -13.05
CA ILE B 179 -2.18 -2.46 -13.91
C ILE B 179 -1.96 -2.76 -15.40
N ASN B 180 -2.71 -3.73 -15.91
CA ASN B 180 -2.58 -4.12 -17.31
C ASN B 180 -3.70 -3.58 -18.18
N THR B 181 -4.81 -3.17 -17.56
CA THR B 181 -5.96 -2.71 -18.33
C THR B 181 -6.47 -1.34 -17.88
N ILE B 182 -7.27 -0.72 -18.74
CA ILE B 182 -7.94 0.53 -18.39
C ILE B 182 -8.83 0.32 -17.16
N ASP B 183 -9.53 -0.81 -17.08
CA ASP B 183 -10.37 -1.04 -15.90
C ASP B 183 -9.53 -1.17 -14.62
N ASP B 184 -8.37 -1.82 -14.70
CA ASP B 184 -7.43 -1.84 -13.57
C ASP B 184 -7.13 -0.41 -13.10
N ALA B 185 -6.85 0.45 -14.06
CA ALA B 185 -6.51 1.82 -13.73
C ALA B 185 -7.72 2.56 -13.15
N LEU B 186 -8.91 2.35 -13.71
CA LEU B 186 -10.09 3.08 -13.24
C LEU B 186 -10.37 2.72 -11.79
N ARG B 187 -10.16 1.46 -11.45
CA ARG B 187 -10.33 1.00 -10.07
C ARG B 187 -9.43 1.77 -9.11
N ILE B 188 -8.17 1.95 -9.50
CA ILE B 188 -7.21 2.64 -8.65
C ILE B 188 -7.51 4.15 -8.59
N LEU B 189 -7.96 4.74 -9.69
CA LEU B 189 -8.35 6.14 -9.67
C LEU B 189 -9.46 6.41 -8.68
N ARG B 190 -10.41 5.48 -8.59
CA ARG B 190 -11.51 5.64 -7.65
C ARG B 190 -10.99 5.69 -6.21
N LYS B 191 -9.96 4.89 -5.91
CA LYS B 191 -9.38 4.86 -4.57
C LYS B 191 -8.49 6.05 -4.27
N ILE B 192 -7.82 6.59 -5.29
CA ILE B 192 -7.00 7.77 -5.09
C ILE B 192 -7.89 9.01 -4.90
N ASN B 193 -8.97 9.05 -5.68
CA ASN B 193 -10.01 10.08 -5.57
C ASN B 193 -9.51 11.50 -5.78
N SER B 194 -8.73 11.69 -6.84
CA SER B 194 -8.21 13.01 -7.16
C SER B 194 -8.29 13.26 -8.66
N ASN B 195 -8.79 14.42 -9.09
CA ASN B 195 -8.78 14.70 -10.52
C ASN B 195 -7.38 15.06 -11.03
N ARG B 196 -6.40 15.05 -10.14
CA ARG B 196 -5.02 15.26 -10.57
C ARG B 196 -4.37 13.96 -11.07
N VAL B 197 -5.12 12.87 -11.04
CA VAL B 197 -4.62 11.61 -11.61
C VAL B 197 -5.63 11.09 -12.63
N GLY B 198 -5.15 10.78 -13.84
CA GLY B 198 -6.00 10.23 -14.88
C GLY B 198 -5.31 9.06 -15.56
N ILE B 199 -5.79 8.72 -16.75
CA ILE B 199 -5.31 7.56 -17.48
C ILE B 199 -4.63 7.95 -18.79
N LEU B 200 -3.53 7.24 -19.09
CA LEU B 200 -2.90 7.29 -20.39
C LEU B 200 -3.11 5.95 -21.08
N ALA B 201 -3.89 5.91 -22.16
CA ALA B 201 -4.10 4.66 -22.90
C ALA B 201 -3.13 4.62 -24.05
N ASP B 202 -2.57 3.44 -24.31
CA ASP B 202 -1.58 3.26 -25.36
C ASP B 202 -2.06 2.17 -26.33
N THR B 203 -2.20 2.49 -27.62
CA THR B 203 -2.82 1.52 -28.53
C THR B 203 -2.02 0.23 -28.70
N PHE B 204 -0.69 0.30 -28.62
CA PHE B 204 0.12 -0.91 -28.70
C PHE B 204 -0.18 -1.84 -27.52
N HIS B 205 -0.24 -1.28 -26.32
CA HIS B 205 -0.55 -2.11 -25.16
C HIS B 205 -2.01 -2.57 -25.15
N MET B 206 -2.94 -1.69 -25.52
CA MET B 206 -4.35 -2.07 -25.60
C MET B 206 -4.61 -3.18 -26.61
N ASN B 207 -3.84 -3.21 -27.70
CA ASN B 207 -3.99 -4.24 -28.71
C ASN B 207 -3.83 -5.64 -28.14
N ILE B 208 -3.03 -5.75 -27.09
CA ILE B 208 -2.84 -7.01 -26.38
C ILE B 208 -3.86 -7.15 -25.24
N GLU B 209 -4.02 -6.11 -24.42
CA GLU B 209 -4.74 -6.29 -23.15
C GLU B 209 -6.24 -5.98 -23.11
N GLU B 210 -6.74 -5.15 -24.02
CA GLU B 210 -8.16 -4.76 -23.95
C GLU B 210 -9.02 -5.67 -24.80
N VAL B 211 -10.19 -6.03 -24.28
CA VAL B 211 -11.12 -6.86 -25.05
C VAL B 211 -11.70 -6.09 -26.24
N ASN B 212 -12.40 -5.00 -25.93
CA ASN B 212 -13.05 -4.17 -26.93
C ASN B 212 -12.50 -2.76 -26.70
N ILE B 213 -11.63 -2.29 -27.58
CA ILE B 213 -10.93 -1.03 -27.30
C ILE B 213 -11.87 0.17 -27.30
N PRO B 214 -12.77 0.28 -28.30
CA PRO B 214 -13.70 1.41 -28.17
C PRO B 214 -14.50 1.41 -26.87
N GLU B 215 -14.99 0.26 -26.43
CA GLU B 215 -15.74 0.22 -25.17
C GLU B 215 -14.86 0.58 -23.97
N SER B 216 -13.60 0.15 -24.01
CA SER B 216 -12.67 0.49 -22.92
C SER B 216 -12.47 1.99 -22.86
N LEU B 217 -12.32 2.62 -24.02
CA LEU B 217 -12.12 4.07 -24.06
C LEU B 217 -13.37 4.81 -23.58
N LYS B 218 -14.55 4.30 -23.95
CA LYS B 218 -15.78 4.93 -23.46
C LYS B 218 -15.91 4.81 -21.95
N ARG B 219 -15.45 3.70 -21.38
CA ARG B 219 -15.48 3.54 -19.92
C ARG B 219 -14.54 4.52 -19.24
N ALA B 220 -13.38 4.76 -19.85
CA ALA B 220 -12.43 5.74 -19.33
C ALA B 220 -13.07 7.14 -19.41
N GLY B 221 -13.70 7.44 -20.53
CA GLY B 221 -14.39 8.72 -20.69
C GLY B 221 -13.50 9.92 -20.38
N GLU B 222 -13.99 10.80 -19.50
CA GLU B 222 -13.25 12.01 -19.18
C GLU B 222 -11.96 11.72 -18.40
N LYS B 223 -11.80 10.50 -17.90
CA LYS B 223 -10.60 10.15 -17.14
C LYS B 223 -9.45 9.78 -18.08
N LEU B 224 -9.73 9.69 -19.38
CA LEU B 224 -8.65 9.55 -20.36
C LEU B 224 -7.97 10.90 -20.55
N TYR B 225 -6.77 11.07 -19.98
CA TYR B 225 -6.10 12.37 -19.96
C TYR B 225 -5.07 12.54 -21.09
N HIS B 226 -4.56 11.42 -21.58
CA HIS B 226 -3.48 11.43 -22.56
C HIS B 226 -3.57 10.15 -23.37
N PHE B 227 -3.00 10.15 -24.57
CA PHE B 227 -3.15 9.01 -25.47
C PHE B 227 -1.86 8.75 -26.23
N HIS B 228 -1.42 7.49 -26.26
CA HIS B 228 -0.19 7.09 -26.97
C HIS B 228 -0.59 6.27 -28.16
N VAL B 229 -0.05 6.59 -29.33
CA VAL B 229 -0.34 5.77 -30.50
C VAL B 229 0.91 5.17 -31.13
N ALA B 230 0.76 3.90 -31.49
CA ALA B 230 1.70 3.13 -32.29
C ALA B 230 0.91 1.96 -32.86
N ASP B 231 1.38 1.38 -33.94
CA ASP B 231 0.57 0.33 -34.55
C ASP B 231 0.75 -0.99 -33.79
N SER B 232 0.10 -2.03 -34.29
CA SER B 232 0.10 -3.34 -33.62
C SER B 232 1.51 -3.88 -33.41
N ASN B 233 2.42 -3.62 -34.37
CA ASN B 233 3.84 -3.98 -34.23
C ASN B 233 4.72 -2.90 -33.61
N ARG B 234 4.07 -1.86 -33.10
CA ARG B 234 4.67 -0.66 -32.54
C ARG B 234 5.43 0.17 -33.58
N TRP B 235 5.19 -0.09 -34.86
CA TRP B 235 5.72 0.80 -35.89
C TRP B 235 4.84 2.03 -36.00
N ALA B 236 5.18 2.94 -36.91
CA ALA B 236 4.36 4.13 -37.15
C ALA B 236 2.92 3.72 -37.44
N PRO B 237 1.94 4.43 -36.86
CA PRO B 237 0.54 4.16 -37.20
C PRO B 237 0.33 4.13 -38.72
N GLY B 238 -0.33 3.08 -39.21
CA GLY B 238 -0.45 2.87 -40.64
C GLY B 238 0.40 1.72 -41.13
N CYS B 239 1.33 1.23 -40.32
CA CYS B 239 2.25 0.21 -40.79
C CYS B 239 2.09 -1.16 -40.14
N GLY B 240 0.98 -1.35 -39.42
CA GLY B 240 0.61 -2.65 -38.89
C GLY B 240 -0.82 -2.96 -39.27
N HIS B 241 -1.61 -3.50 -38.34
CA HIS B 241 -3.03 -3.80 -38.60
C HIS B 241 -3.99 -3.31 -37.53
N PHE B 242 -3.55 -2.32 -36.75
CA PHE B 242 -4.42 -1.81 -35.70
C PHE B 242 -5.51 -0.93 -36.31
N ASP B 243 -6.72 -1.08 -35.80
CA ASP B 243 -7.87 -0.32 -36.27
C ASP B 243 -7.93 1.07 -35.62
N PHE B 244 -7.20 2.03 -36.20
CA PHE B 244 -7.22 3.40 -35.68
C PHE B 244 -8.54 4.10 -36.01
N ARG B 245 -9.20 3.70 -37.09
CA ARG B 245 -10.47 4.33 -37.45
C ARG B 245 -11.48 4.24 -36.32
N SER B 246 -11.67 3.04 -35.77
CA SER B 246 -12.64 2.86 -34.70
C SER B 246 -12.24 3.64 -33.46
N VAL B 247 -10.93 3.71 -33.21
CA VAL B 247 -10.44 4.43 -32.04
C VAL B 247 -10.72 5.91 -32.16
N PHE B 248 -10.40 6.49 -33.32
CA PHE B 248 -10.62 7.92 -33.48
C PHE B 248 -12.09 8.28 -33.59
N ASN B 249 -12.91 7.39 -34.13
CA ASN B 249 -14.35 7.61 -34.07
C ASN B 249 -14.79 7.70 -32.62
N THR B 250 -14.26 6.83 -31.79
CA THR B 250 -14.61 6.82 -30.38
C THR B 250 -14.10 8.09 -29.66
N LEU B 251 -12.87 8.50 -29.94
CA LEU B 251 -12.32 9.69 -29.30
C LEU B 251 -13.20 10.92 -29.60
N LYS B 252 -13.71 11.02 -30.82
CA LYS B 252 -14.74 12.02 -31.15
C LYS B 252 -15.95 12.02 -30.32
N GLU B 253 -16.55 10.84 -30.33
CA GLU B 253 -17.81 10.60 -29.68
C GLU B 253 -17.72 11.01 -28.22
N ILE B 254 -16.56 10.78 -27.59
CA ILE B 254 -16.43 11.14 -26.19
C ILE B 254 -15.92 12.58 -25.98
N GLY B 255 -15.64 13.28 -27.07
CA GLY B 255 -15.25 14.68 -26.99
C GLY B 255 -13.80 14.89 -26.58
N TYR B 256 -12.95 13.91 -26.88
CA TYR B 256 -11.52 14.02 -26.56
C TYR B 256 -10.88 15.24 -27.22
N ASN B 257 -10.36 16.15 -26.41
CA ASN B 257 -9.74 17.36 -26.94
C ASN B 257 -8.35 17.55 -26.37
N ARG B 258 -7.68 16.44 -26.03
CA ARG B 258 -6.37 16.49 -25.42
C ARG B 258 -5.34 15.98 -26.43
N TYR B 259 -4.18 15.48 -25.99
CA TYR B 259 -3.14 15.11 -26.97
C TYR B 259 -3.16 13.65 -27.36
N VAL B 260 -2.85 13.44 -28.62
CA VAL B 260 -2.59 12.12 -29.19
C VAL B 260 -1.10 12.12 -29.54
N SER B 261 -0.31 11.36 -28.78
CA SER B 261 1.14 11.43 -28.88
C SER B 261 1.70 10.18 -29.54
N VAL B 262 2.52 10.36 -30.58
CA VAL B 262 3.11 9.23 -31.27
C VAL B 262 4.29 8.67 -30.49
N GLU B 263 4.15 7.43 -30.01
CA GLU B 263 5.18 6.74 -29.25
C GLU B 263 5.44 5.41 -29.94
N CYS B 264 6.28 5.44 -30.96
CA CYS B 264 6.48 4.25 -31.76
C CYS B 264 7.96 4.00 -32.03
N LEU B 265 8.27 2.78 -32.44
CA LEU B 265 9.60 2.47 -32.92
C LEU B 265 9.93 3.32 -34.14
N PRO B 266 11.22 3.61 -34.34
CA PRO B 266 11.64 4.38 -35.51
C PRO B 266 11.61 3.53 -36.79
N LEU B 267 10.43 3.01 -37.08
CA LEU B 267 10.19 2.09 -38.18
C LEU B 267 8.85 2.41 -38.81
N PRO B 268 8.77 2.34 -40.15
CA PRO B 268 9.87 1.97 -41.05
C PRO B 268 10.84 3.13 -41.32
N GLY B 269 12.08 2.78 -41.63
CA GLY B 269 13.01 3.73 -42.23
C GLY B 269 13.65 4.78 -41.35
N GLY B 270 13.47 4.67 -40.04
CA GLY B 270 14.14 5.58 -39.12
C GLY B 270 13.20 6.57 -38.46
N MET B 271 13.75 7.38 -37.57
CA MET B 271 12.99 8.31 -36.74
C MET B 271 12.18 9.32 -37.55
N GLU B 272 12.81 9.91 -38.55
CA GLU B 272 12.15 10.95 -39.33
C GLU B 272 11.05 10.37 -40.21
N GLU B 273 11.33 9.26 -40.90
CA GLU B 273 10.32 8.64 -41.74
C GLU B 273 9.13 8.19 -40.90
N ALA B 274 9.41 7.62 -39.73
CA ALA B 274 8.34 7.12 -38.88
C ALA B 274 7.47 8.27 -38.43
N ALA B 275 8.08 9.38 -38.07
CA ALA B 275 7.34 10.55 -37.60
C ALA B 275 6.46 11.12 -38.71
N GLU B 276 6.98 11.12 -39.94
CA GLU B 276 6.21 11.62 -41.07
C GLU B 276 5.05 10.71 -41.43
N ILE B 277 5.28 9.40 -41.46
CA ILE B 277 4.21 8.45 -41.76
C ILE B 277 3.13 8.51 -40.70
N ALA B 278 3.53 8.56 -39.43
CA ALA B 278 2.57 8.61 -38.35
C ALA B 278 1.69 9.86 -38.46
N PHE B 279 2.32 10.99 -38.78
CA PHE B 279 1.59 12.24 -38.87
C PHE B 279 0.54 12.21 -39.98
N LYS B 280 0.96 11.74 -41.15
CA LYS B 280 0.06 11.63 -42.29
C LYS B 280 -1.13 10.73 -41.97
N THR B 281 -0.84 9.58 -41.36
CA THR B 281 -1.91 8.65 -41.00
C THR B 281 -2.91 9.28 -40.03
N LEU B 282 -2.39 9.90 -38.99
CA LEU B 282 -3.25 10.38 -37.91
C LEU B 282 -3.98 11.66 -38.35
N LYS B 283 -3.31 12.52 -39.10
CA LYS B 283 -3.96 13.74 -39.55
C LYS B 283 -5.15 13.42 -40.46
N GLU B 284 -4.97 12.45 -41.33
CA GLU B 284 -6.03 12.04 -42.25
C GLU B 284 -7.25 11.49 -41.51
N LEU B 285 -7.01 10.69 -40.47
CA LEU B 285 -8.10 10.23 -39.61
C LEU B 285 -8.79 11.43 -38.96
N ILE B 286 -8.00 12.25 -38.27
CA ILE B 286 -8.50 13.41 -37.55
C ILE B 286 -9.21 14.41 -38.47
N ILE B 287 -8.80 14.49 -39.74
CA ILE B 287 -9.42 15.45 -40.66
C ILE B 287 -10.77 14.97 -41.18
N LYS B 288 -10.82 13.74 -41.70
CA LYS B 288 -12.02 13.22 -42.36
C LYS B 288 -13.23 13.19 -41.46
N LEU B 289 -13.63 14.37 -40.98
CA LEU B 289 -14.20 14.38 -39.64
C LEU B 289 -14.26 15.68 -38.88
#